data_3I57
#
_entry.id   3I57
#
_cell.length_a   44.861
_cell.length_b   45.846
_cell.length_c   191.573
_cell.angle_alpha   90.000
_cell.angle_beta   90.000
_cell.angle_gamma   90.000
#
_symmetry.space_group_name_H-M   'P 21 21 21'
#
loop_
_entity.id
_entity.type
_entity.pdbx_description
1 polymer 'Mucus binding protein'
2 non-polymer 'CALCIUM ION'
3 water water
#
_entity_poly.entity_id   1
_entity_poly.type   'polypeptide(L)'
_entity_poly.pdbx_seq_one_letter_code
;MQKVHVQYIDGETDQMLRQDDLDGYTDETIPYSTAEGIKKFEGDGYELFKDNFPAGEKFDNDDTNDQFYTVIFKHHRENV
DPNHSSADGTKGTKTLTETVHYKYANGTKAAEDQTAQVTFTRNGVLDDVTGIVAWGKWNEASQSYKALTSPTIAGYAPSE
AVVKRSSNSDAEQGPTLTVIYTADA
;
_entity_poly.pdbx_strand_id   A,B
#
loop_
_chem_comp.id
_chem_comp.type
_chem_comp.name
_chem_comp.formula
CA non-polymer 'CALCIUM ION' 'Ca 2'
#
# COMPACT_ATOMS: atom_id res chain seq x y z
N MET A 1 1.07 15.42 -44.91
CA MET A 1 0.05 15.00 -43.92
C MET A 1 0.25 15.86 -42.66
N GLN A 2 -0.81 16.05 -41.87
CA GLN A 2 -0.71 16.80 -40.61
C GLN A 2 -0.83 15.81 -39.45
N LYS A 3 -0.33 16.19 -38.27
CA LYS A 3 -0.36 15.28 -37.13
C LYS A 3 -0.99 15.95 -35.95
N VAL A 4 -1.73 15.17 -35.19
CA VAL A 4 -2.42 15.65 -34.03
C VAL A 4 -2.08 14.70 -32.88
N HIS A 5 -1.95 15.22 -31.68
CA HIS A 5 -1.64 14.36 -30.53
C HIS A 5 -2.59 14.70 -29.42
N VAL A 6 -3.32 13.72 -28.91
CA VAL A 6 -4.25 14.00 -27.84
C VAL A 6 -3.70 13.38 -26.57
N GLN A 7 -3.49 14.21 -25.55
CA GLN A 7 -2.71 13.76 -24.39
C GLN A 7 -3.63 13.67 -23.18
N TYR A 8 -3.72 12.49 -22.61
CA TYR A 8 -4.54 12.25 -21.41
C TYR A 8 -3.67 12.43 -20.16
N ILE A 9 -4.07 13.36 -19.29
CA ILE A 9 -3.18 13.84 -18.22
C ILE A 9 -3.80 13.68 -16.83
N ASP A 10 -3.02 13.23 -15.85
CA ASP A 10 -3.43 13.32 -14.43
C ASP A 10 -2.96 14.68 -13.93
N GLY A 11 -3.92 15.59 -13.76
CA GLY A 11 -3.60 16.96 -13.39
C GLY A 11 -3.30 17.15 -11.92
N GLU A 12 -3.41 16.07 -11.14
CA GLU A 12 -3.03 16.17 -9.73
C GLU A 12 -1.58 15.85 -9.57
N THR A 13 -1.07 14.93 -10.40
CA THR A 13 0.30 14.46 -10.29
C THR A 13 1.15 14.99 -11.45
N ASP A 14 0.53 15.79 -12.31
CA ASP A 14 1.15 16.30 -13.54
C ASP A 14 1.89 15.17 -14.25
N GLN A 15 1.13 14.15 -14.65
CA GLN A 15 1.68 12.92 -15.24
C GLN A 15 0.89 12.58 -16.50
N MET A 16 1.57 12.30 -17.61
CA MET A 16 0.86 11.90 -18.82
C MET A 16 0.51 10.43 -18.70
N LEU A 17 -0.75 10.11 -18.97
CA LEU A 17 -1.25 8.75 -18.81
C LEU A 17 -1.26 7.99 -20.13
N ARG A 18 -1.47 8.70 -21.24
CA ARG A 18 -1.51 8.08 -22.58
C ARG A 18 -1.51 9.19 -23.61
N GLN A 19 -0.97 8.91 -24.79
CA GLN A 19 -1.10 9.85 -25.91
C GLN A 19 -1.58 9.11 -27.13
N ASP A 20 -2.58 9.70 -27.80
CA ASP A 20 -3.13 9.12 -29.02
C ASP A 20 -2.70 10.02 -30.15
N ASP A 21 -2.08 9.43 -31.17
CA ASP A 21 -1.66 10.14 -32.38
C ASP A 21 -2.66 9.93 -33.51
N LEU A 22 -2.90 10.98 -34.30
CA LEU A 22 -3.75 10.90 -35.50
C LEU A 22 -3.02 11.65 -36.61
N ASP A 23 -3.17 11.21 -37.86
CA ASP A 23 -2.69 11.96 -39.00
C ASP A 23 -3.87 12.22 -39.90
N GLY A 24 -3.81 13.34 -40.64
CA GLY A 24 -4.87 13.65 -41.59
C GLY A 24 -4.45 14.71 -42.58
N TYR A 25 -5.39 15.08 -43.45
CA TYR A 25 -5.19 16.06 -44.46
C TYR A 25 -5.56 17.44 -43.96
N THR A 26 -4.86 18.43 -44.47
CA THR A 26 -5.17 19.80 -44.15
C THR A 26 -6.62 20.07 -44.46
N ASP A 27 -7.30 20.70 -43.50
CA ASP A 27 -8.70 21.06 -43.57
C ASP A 27 -9.69 19.89 -43.36
N GLU A 28 -9.17 18.68 -43.23
CA GLU A 28 -10.02 17.56 -42.86
C GLU A 28 -10.46 17.76 -41.41
N THR A 29 -11.74 17.47 -41.12
CA THR A 29 -12.17 17.46 -39.72
C THR A 29 -11.50 16.29 -38.96
N ILE A 30 -10.90 16.56 -37.79
CA ILE A 30 -10.09 15.50 -37.13
C ILE A 30 -11.05 14.40 -36.69
N PRO A 31 -10.92 13.16 -37.22
CA PRO A 31 -11.92 12.14 -36.93
C PRO A 31 -11.65 11.47 -35.62
N TYR A 32 -11.89 12.22 -34.53
CA TYR A 32 -11.57 11.75 -33.19
C TYR A 32 -12.59 12.32 -32.22
N SER A 33 -12.88 11.52 -31.22
CA SER A 33 -13.63 11.96 -30.04
C SER A 33 -12.88 11.52 -28.79
N THR A 34 -12.93 12.36 -27.77
CA THR A 34 -12.30 12.05 -26.50
C THR A 34 -13.20 11.14 -25.66
N ALA A 35 -14.36 10.77 -26.19
CA ALA A 35 -15.34 10.04 -25.36
C ALA A 35 -14.86 8.70 -24.81
N GLU A 36 -14.30 7.85 -25.66
CA GLU A 36 -13.79 6.58 -25.16
C GLU A 36 -12.65 6.75 -24.16
N GLY A 37 -11.74 7.67 -24.44
CA GLY A 37 -10.60 7.83 -23.54
C GLY A 37 -11.07 8.35 -22.19
N ILE A 38 -11.98 9.31 -22.22
CA ILE A 38 -12.55 9.80 -20.95
C ILE A 38 -13.24 8.66 -20.19
N LYS A 39 -14.08 7.90 -20.88
CA LYS A 39 -14.71 6.74 -20.23
C LYS A 39 -13.72 5.77 -19.58
N LYS A 40 -12.65 5.45 -20.29
CA LYS A 40 -11.61 4.56 -19.80
C LYS A 40 -10.98 5.09 -18.51
N PHE A 41 -10.50 6.32 -18.53
CA PHE A 41 -9.87 6.85 -17.33
C PHE A 41 -10.86 7.04 -16.15
N GLU A 42 -12.10 7.42 -16.46
CA GLU A 42 -13.09 7.52 -15.38
C GLU A 42 -13.35 6.13 -14.77
N GLY A 43 -13.19 5.08 -15.58
CA GLY A 43 -13.26 3.72 -15.07
C GLY A 43 -12.11 3.33 -14.18
N ASP A 44 -11.00 4.08 -14.24
CA ASP A 44 -9.87 3.85 -13.36
C ASP A 44 -9.89 4.84 -12.19
N GLY A 45 -11.00 5.52 -11.96
CA GLY A 45 -11.09 6.40 -10.80
C GLY A 45 -10.98 7.87 -11.05
N TYR A 46 -10.59 8.24 -12.26
CA TYR A 46 -10.41 9.66 -12.58
C TYR A 46 -11.74 10.36 -12.76
N GLU A 47 -11.68 11.69 -12.73
CA GLU A 47 -12.84 12.53 -13.02
C GLU A 47 -12.33 13.56 -14.00
N LEU A 48 -13.05 13.74 -15.10
CA LEU A 48 -12.68 14.77 -16.07
C LEU A 48 -12.66 16.16 -15.43
N PHE A 49 -11.54 16.88 -15.62
CA PHE A 49 -11.43 18.26 -15.18
C PHE A 49 -11.56 19.24 -16.35
N LYS A 50 -10.79 18.99 -17.40
CA LYS A 50 -10.79 19.84 -18.56
C LYS A 50 -10.44 19.09 -19.83
N ASP A 51 -11.38 19.05 -20.78
CA ASP A 51 -11.13 18.48 -22.10
C ASP A 51 -10.83 19.63 -23.06
N ASN A 52 -9.58 19.72 -23.49
CA ASN A 52 -9.10 20.81 -24.36
C ASN A 52 -9.13 20.46 -25.83
N PHE A 53 -9.68 19.32 -26.19
CA PHE A 53 -9.84 18.96 -27.59
C PHE A 53 -11.11 19.61 -28.13
N PRO A 54 -10.98 20.55 -29.07
CA PRO A 54 -12.15 21.31 -29.46
C PRO A 54 -13.09 20.53 -30.37
N ALA A 55 -14.40 20.64 -30.14
CA ALA A 55 -15.41 20.04 -31.00
C ALA A 55 -15.18 20.42 -32.44
N GLY A 56 -15.11 19.43 -33.33
CA GLY A 56 -15.07 19.74 -34.77
C GLY A 56 -13.80 20.40 -35.26
N GLU A 57 -12.75 20.35 -34.44
CA GLU A 57 -11.40 20.81 -34.81
C GLU A 57 -10.94 20.15 -36.14
N LYS A 58 -10.32 20.94 -37.01
CA LYS A 58 -9.67 20.47 -38.25
C LYS A 58 -8.15 20.34 -38.14
N PHE A 59 -7.56 19.49 -38.98
CA PHE A 59 -6.12 19.49 -39.16
C PHE A 59 -5.70 20.84 -39.78
N ASP A 60 -4.61 21.42 -39.26
CA ASP A 60 -4.11 22.74 -39.73
C ASP A 60 -3.42 22.70 -41.09
N ASN A 61 -2.86 23.84 -41.48
CA ASN A 61 -2.13 23.93 -42.73
C ASN A 61 -0.70 24.36 -42.41
N ASP A 62 -0.14 23.75 -41.38
CA ASP A 62 1.19 24.11 -40.87
C ASP A 62 2.03 22.85 -40.73
N ASP A 63 2.88 22.62 -41.73
CA ASP A 63 3.69 21.40 -41.83
C ASP A 63 4.69 21.29 -40.72
N THR A 64 5.19 22.44 -40.26
CA THR A 64 6.31 22.48 -39.33
C THR A 64 5.91 22.11 -37.90
N ASN A 65 4.65 22.42 -37.55
CA ASN A 65 4.18 22.22 -36.19
C ASN A 65 2.99 21.27 -36.12
N ASP A 66 3.03 20.35 -35.14
CA ASP A 66 1.88 19.48 -34.85
C ASP A 66 0.87 20.16 -33.92
N GLN A 67 -0.32 19.58 -33.85
CA GLN A 67 -1.37 20.08 -32.97
C GLN A 67 -1.40 19.20 -31.73
N PHE A 68 -1.40 19.81 -30.55
CA PHE A 68 -1.52 19.06 -29.29
C PHE A 68 -2.77 19.48 -28.53
N TYR A 69 -3.50 18.50 -27.99
CA TYR A 69 -4.64 18.83 -27.14
C TYR A 69 -4.63 17.95 -25.93
N THR A 70 -4.76 18.56 -24.75
CA THR A 70 -4.78 17.79 -23.50
C THR A 70 -6.20 17.48 -23.00
N VAL A 71 -6.34 16.33 -22.33
CA VAL A 71 -7.57 15.98 -21.65
C VAL A 71 -7.13 15.75 -20.21
N ILE A 72 -7.59 16.60 -19.32
CA ILE A 72 -6.98 16.66 -18.02
C ILE A 72 -7.97 16.11 -17.01
N PHE A 73 -7.50 15.23 -16.14
CA PHE A 73 -8.34 14.66 -15.10
C PHE A 73 -7.87 15.01 -13.70
N LYS A 74 -8.79 14.97 -12.74
CA LYS A 74 -8.42 14.92 -11.33
C LYS A 74 -8.78 13.55 -10.78
N HIS A 75 -8.50 13.31 -9.51
CA HIS A 75 -8.87 12.01 -8.91
C HIS A 75 -10.28 12.11 -8.34
N HIS A 76 -11.17 11.21 -8.72
CA HIS A 76 -12.48 11.18 -8.11
C HIS A 76 -12.37 10.74 -6.63
N ARG A 77 -13.10 11.44 -5.75
CA ARG A 77 -13.10 11.13 -4.33
C ARG A 77 -14.50 10.87 -3.81
N GLU A 78 -14.58 10.06 -2.76
CA GLU A 78 -15.85 9.78 -2.10
C GLU A 78 -15.62 9.67 -0.60
N ASN A 79 -16.53 10.21 0.18
CA ASN A 79 -16.41 10.10 1.62
C ASN A 79 -16.71 8.67 2.05
N VAL A 80 -15.87 8.13 2.94
CA VAL A 80 -16.08 6.78 3.43
C VAL A 80 -16.19 6.72 4.97
N ASP A 81 -16.76 5.63 5.46
CA ASP A 81 -16.99 5.41 6.87
C ASP A 81 -15.70 4.83 7.50
N PRO A 82 -15.62 4.81 8.84
CA PRO A 82 -14.45 4.33 9.54
C PRO A 82 -14.11 2.86 9.25
N ASN A 83 -15.03 2.08 8.69
CA ASN A 83 -14.76 0.67 8.49
C ASN A 83 -14.14 0.42 7.13
N HIS A 84 -13.94 1.47 6.37
CA HIS A 84 -13.50 1.27 4.98
C HIS A 84 -12.02 0.92 4.93
N SER A 85 -11.64 0.03 4.01
CA SER A 85 -10.24 -0.33 3.85
C SER A 85 -9.52 0.73 3.01
N SER A 86 -8.20 0.73 3.09
CA SER A 86 -7.35 1.62 2.32
C SER A 86 -6.15 0.87 1.78
N ALA A 87 -5.81 1.19 0.54
CA ALA A 87 -4.78 0.49 -0.18
C ALA A 87 -3.40 0.64 0.49
N ASP A 88 -3.20 1.67 1.31
CA ASP A 88 -1.95 1.83 2.04
C ASP A 88 -2.00 1.18 3.42
N GLY A 89 -3.05 0.41 3.67
CA GLY A 89 -3.22 -0.36 4.93
C GLY A 89 -3.58 0.45 6.18
N THR A 90 -3.81 1.74 6.04
CA THR A 90 -4.23 2.57 7.19
C THR A 90 -5.68 2.28 7.51
N LYS A 91 -6.09 2.52 8.75
CA LYS A 91 -7.45 2.18 9.16
C LYS A 91 -8.18 3.38 9.71
N GLY A 92 -9.51 3.28 9.72
CA GLY A 92 -10.37 4.26 10.36
C GLY A 92 -10.65 4.03 11.84
N THR A 93 -9.97 3.05 12.43
CA THR A 93 -10.22 2.69 13.80
C THR A 93 -8.91 2.50 14.55
N LYS A 94 -8.93 2.70 15.87
CA LYS A 94 -7.81 2.25 16.68
C LYS A 94 -8.31 1.85 18.05
N THR A 95 -7.69 0.85 18.65
CA THR A 95 -8.10 0.38 19.97
C THR A 95 -6.92 0.50 20.93
N LEU A 96 -7.13 1.19 22.05
CA LEU A 96 -6.11 1.33 23.07
C LEU A 96 -6.47 0.49 24.30
N THR A 97 -5.44 0.08 25.05
CA THR A 97 -5.64 -0.79 26.19
C THR A 97 -5.11 -0.14 27.47
N GLU A 98 -5.94 -0.15 28.51
CA GLU A 98 -5.50 0.31 29.81
C GLU A 98 -5.07 -0.93 30.60
N THR A 99 -3.91 -0.87 31.27
CA THR A 99 -3.41 -2.00 32.06
C THR A 99 -3.19 -1.53 33.49
N VAL A 100 -3.79 -2.26 34.43
CA VAL A 100 -3.60 -2.00 35.84
C VAL A 100 -2.90 -3.17 36.51
N HIS A 101 -1.75 -2.88 37.09
CA HIS A 101 -0.99 -3.83 37.86
C HIS A 101 -1.40 -3.74 39.34
N TYR A 102 -1.20 -4.84 40.07
CA TYR A 102 -1.55 -4.90 41.49
C TYR A 102 -0.36 -5.45 42.24
N LYS A 103 0.19 -4.63 43.14
CA LYS A 103 1.47 -4.93 43.79
C LYS A 103 1.46 -4.60 45.26
N TYR A 104 2.36 -5.23 46.02
CA TYR A 104 2.59 -4.81 47.38
C TYR A 104 3.65 -3.70 47.32
N ALA A 105 4.05 -3.10 48.45
CA ALA A 105 5.00 -1.98 48.42
C ALA A 105 6.38 -2.26 47.83
N ASN A 106 6.84 -3.51 47.87
CA ASN A 106 8.19 -3.78 47.37
C ASN A 106 8.20 -4.14 45.90
N GLY A 107 7.03 -4.02 45.27
CA GLY A 107 6.94 -4.31 43.86
C GLY A 107 6.56 -5.74 43.62
N THR A 108 6.39 -6.52 44.68
CA THR A 108 5.99 -7.90 44.44
C THR A 108 4.51 -7.93 44.06
N LYS A 109 4.14 -8.97 43.33
CA LYS A 109 2.82 -9.04 42.73
C LYS A 109 1.73 -9.43 43.71
N ALA A 110 0.62 -8.69 43.70
CA ALA A 110 -0.49 -8.96 44.61
C ALA A 110 -1.67 -9.67 43.94
N ALA A 111 -1.91 -9.38 42.67
CA ALA A 111 -3.02 -9.97 41.91
C ALA A 111 -2.69 -9.84 40.44
N GLU A 112 -3.43 -10.55 39.59
CA GLU A 112 -3.18 -10.46 38.15
C GLU A 112 -3.69 -9.15 37.60
N ASP A 113 -3.00 -8.63 36.59
CA ASP A 113 -3.38 -7.42 35.88
C ASP A 113 -4.85 -7.49 35.46
N GLN A 114 -5.52 -6.35 35.42
CA GLN A 114 -6.79 -6.22 34.71
C GLN A 114 -6.57 -5.21 33.59
N THR A 115 -7.30 -5.40 32.50
CA THR A 115 -7.19 -4.52 31.36
C THR A 115 -8.54 -4.08 30.89
N ALA A 116 -8.56 -3.00 30.13
CA ALA A 116 -9.78 -2.53 29.49
C ALA A 116 -9.38 -1.84 28.21
N GLN A 117 -10.36 -1.68 27.31
CA GLN A 117 -10.05 -1.17 25.99
C GLN A 117 -11.01 -0.06 25.59
N VAL A 118 -10.49 0.90 24.81
CA VAL A 118 -11.33 1.89 24.18
C VAL A 118 -10.98 1.91 22.69
N THR A 119 -11.97 2.29 21.89
CA THR A 119 -11.81 2.33 20.43
C THR A 119 -12.17 3.70 19.91
N PHE A 120 -11.32 4.27 19.04
CA PHE A 120 -11.61 5.54 18.39
C PHE A 120 -11.91 5.30 16.93
N THR A 121 -12.67 6.20 16.31
CA THR A 121 -13.01 6.06 14.90
C THR A 121 -12.72 7.38 14.19
N ARG A 122 -12.52 7.27 12.89
CA ARG A 122 -12.31 8.47 12.06
C ARG A 122 -12.86 8.18 10.67
N ASN A 123 -13.56 9.17 10.09
CA ASN A 123 -14.02 9.06 8.72
C ASN A 123 -12.91 9.46 7.80
N GLY A 124 -13.06 9.19 6.53
CA GLY A 124 -12.04 9.55 5.57
C GLY A 124 -12.63 9.82 4.20
N VAL A 125 -11.73 10.14 3.27
CA VAL A 125 -12.10 10.38 1.89
C VAL A 125 -11.22 9.49 1.03
N LEU A 126 -11.87 8.64 0.25
CA LEU A 126 -11.21 7.65 -0.57
C LEU A 126 -10.89 8.29 -1.91
N ASP A 127 -9.66 8.09 -2.35
CA ASP A 127 -9.23 8.51 -3.68
C ASP A 127 -9.42 7.29 -4.57
N ASP A 128 -10.37 7.39 -5.50
CA ASP A 128 -10.71 6.29 -6.36
C ASP A 128 -9.57 5.88 -7.31
N VAL A 129 -8.62 6.77 -7.58
CA VAL A 129 -7.52 6.41 -8.49
C VAL A 129 -6.48 5.53 -7.79
N THR A 130 -6.15 5.89 -6.56
CA THR A 130 -5.11 5.20 -5.81
C THR A 130 -5.65 4.11 -4.88
N GLY A 131 -6.94 4.13 -4.54
CA GLY A 131 -7.46 3.22 -3.51
C GLY A 131 -7.13 3.58 -2.07
N ILE A 132 -6.47 4.71 -1.89
CA ILE A 132 -6.02 5.17 -0.57
C ILE A 132 -7.04 6.09 0.08
N VAL A 133 -7.34 5.85 1.35
CA VAL A 133 -8.20 6.74 2.08
C VAL A 133 -7.34 7.77 2.81
N ALA A 134 -7.66 9.05 2.61
CA ALA A 134 -7.14 10.11 3.45
C ALA A 134 -8.02 10.20 4.67
N TRP A 135 -7.50 9.76 5.82
CA TRP A 135 -8.32 9.72 7.03
C TRP A 135 -8.38 11.08 7.70
N GLY A 136 -9.56 11.45 8.17
CA GLY A 136 -9.75 12.71 8.88
C GLY A 136 -9.43 12.62 10.36
N LYS A 137 -9.88 13.63 11.11
CA LYS A 137 -9.59 13.69 12.53
C LYS A 137 -10.29 12.55 13.25
N TRP A 138 -9.71 12.11 14.36
CA TRP A 138 -10.45 11.15 15.20
C TRP A 138 -11.77 11.77 15.66
N ASN A 139 -12.84 11.02 15.53
CA ASN A 139 -14.18 11.55 15.80
C ASN A 139 -14.40 11.83 17.29
N GLU A 140 -13.76 11.04 18.15
CA GLU A 140 -13.97 11.20 19.60
C GLU A 140 -12.71 11.83 20.22
N ALA A 141 -12.85 12.91 20.98
CA ALA A 141 -11.64 13.59 21.49
C ALA A 141 -11.05 12.76 22.60
N SER A 142 -11.91 12.03 23.29
CA SER A 142 -11.43 11.03 24.25
C SER A 142 -12.43 9.93 24.51
N GLN A 143 -11.96 8.80 25.03
CA GLN A 143 -12.84 7.71 25.39
C GLN A 143 -12.49 7.20 26.79
N SER A 144 -13.52 6.85 27.57
CA SER A 144 -13.27 6.36 28.94
C SER A 144 -13.29 4.84 29.00
N TYR A 145 -12.39 4.29 29.82
CA TYR A 145 -12.29 2.84 30.00
C TYR A 145 -13.35 2.46 30.97
N LYS A 146 -13.81 1.21 30.88
CA LYS A 146 -14.71 0.64 31.89
C LYS A 146 -14.00 0.76 33.25
N ALA A 147 -14.76 1.01 34.32
CA ALA A 147 -14.17 1.00 35.67
C ALA A 147 -13.61 -0.36 36.05
N LEU A 148 -12.40 -0.35 36.60
CA LEU A 148 -11.77 -1.59 37.04
C LEU A 148 -11.69 -1.63 38.56
N THR A 149 -12.34 -2.62 39.15
CA THR A 149 -12.38 -2.71 40.60
C THR A 149 -11.19 -3.51 41.07
N SER A 150 -10.41 -2.91 41.94
CA SER A 150 -9.26 -3.61 42.48
C SER A 150 -9.76 -4.77 43.36
N PRO A 151 -9.10 -5.92 43.27
CA PRO A 151 -9.54 -7.07 44.06
C PRO A 151 -9.39 -6.85 45.55
N THR A 152 -10.21 -7.56 46.31
CA THR A 152 -10.11 -7.54 47.77
C THR A 152 -9.14 -8.62 48.22
N ILE A 153 -8.14 -8.21 48.97
CA ILE A 153 -7.13 -9.13 49.48
C ILE A 153 -7.15 -9.02 51.00
N ALA A 154 -7.53 -10.11 51.68
CA ALA A 154 -7.64 -10.07 53.14
C ALA A 154 -6.39 -9.50 53.77
N GLY A 155 -6.57 -8.55 54.66
CA GLY A 155 -5.47 -8.01 55.43
C GLY A 155 -4.83 -6.79 54.79
N TYR A 156 -5.35 -6.40 53.63
CA TYR A 156 -4.79 -5.30 52.85
C TYR A 156 -5.88 -4.39 52.27
N ALA A 157 -5.48 -3.16 51.93
CA ALA A 157 -6.34 -2.18 51.28
C ALA A 157 -5.60 -1.63 50.07
N PRO A 158 -6.28 -1.55 48.93
CA PRO A 158 -5.66 -1.01 47.72
C PRO A 158 -5.56 0.52 47.76
N SER A 159 -4.57 1.09 47.08
CA SER A 159 -4.36 2.51 47.01
C SER A 159 -5.49 3.18 46.24
N GLU A 160 -6.13 2.44 45.34
CA GLU A 160 -7.27 2.97 44.61
C GLU A 160 -8.25 1.84 44.43
N ALA A 161 -9.46 2.04 44.94
CA ALA A 161 -10.42 0.97 44.98
C ALA A 161 -11.02 0.65 43.62
N VAL A 162 -11.28 1.69 42.83
CA VAL A 162 -11.85 1.54 41.51
C VAL A 162 -11.09 2.47 40.59
N VAL A 163 -10.48 1.90 39.55
CA VAL A 163 -9.67 2.68 38.63
C VAL A 163 -10.50 3.08 37.41
N LYS A 164 -10.73 4.39 37.28
CA LYS A 164 -11.44 4.98 36.15
C LYS A 164 -10.50 5.94 35.45
N ARG A 165 -10.19 5.64 34.20
CA ARG A 165 -9.32 6.55 33.44
C ARG A 165 -9.86 6.68 32.02
N SER A 166 -9.31 7.61 31.26
CA SER A 166 -9.71 7.87 29.88
C SER A 166 -8.45 8.02 29.05
N SER A 167 -8.59 7.86 27.74
CA SER A 167 -7.49 8.20 26.82
C SER A 167 -7.96 9.26 25.82
N ASN A 168 -7.05 10.13 25.44
CA ASN A 168 -7.27 11.13 24.40
C ASN A 168 -7.03 10.48 23.04
N SER A 169 -7.62 11.02 21.98
CA SER A 169 -7.54 10.37 20.66
C SER A 169 -6.13 10.46 20.03
N ASP A 170 -5.28 11.35 20.57
CA ASP A 170 -3.88 11.44 20.12
C ASP A 170 -2.95 10.39 20.75
N ALA A 171 -3.46 9.63 21.72
CA ALA A 171 -2.61 8.65 22.39
C ALA A 171 -2.33 7.45 21.50
N GLU A 172 -1.10 6.98 21.54
CA GLU A 172 -0.74 5.78 20.77
C GLU A 172 -0.88 4.53 21.65
N GLN A 173 -0.85 4.68 22.97
CA GLN A 173 -1.15 3.53 23.83
C GLN A 173 -1.98 4.02 24.99
N GLY A 174 -2.76 3.11 25.57
CA GLY A 174 -3.55 3.43 26.76
C GLY A 174 -2.65 3.48 27.99
N PRO A 175 -3.21 3.83 29.15
CA PRO A 175 -2.34 4.04 30.32
C PRO A 175 -1.97 2.72 30.98
N THR A 176 -0.83 2.69 31.66
CA THR A 176 -0.47 1.52 32.44
C THR A 176 -0.12 2.04 33.82
N LEU A 177 -0.74 1.51 34.86
CA LEU A 177 -0.60 2.09 36.19
C LEU A 177 -0.62 1.01 37.22
N THR A 178 -0.18 1.31 38.43
CA THR A 178 -0.09 0.32 39.48
C THR A 178 -0.89 0.75 40.70
N VAL A 179 -1.74 -0.14 41.16
CA VAL A 179 -2.45 -0.05 42.43
C VAL A 179 -1.56 -0.79 43.46
N ILE A 180 -1.34 -0.18 44.63
CA ILE A 180 -0.44 -0.72 45.68
C ILE A 180 -1.28 -1.14 46.86
N TYR A 181 -1.01 -2.32 47.43
CA TYR A 181 -1.76 -2.83 48.58
C TYR A 181 -0.94 -2.64 49.85
N THR A 182 -1.57 -2.02 50.83
CA THR A 182 -0.92 -1.70 52.10
C THR A 182 -1.60 -2.49 53.21
N ALA A 183 -0.79 -3.02 54.13
CA ALA A 183 -1.34 -3.81 55.23
C ALA A 183 -2.22 -2.97 56.15
N ASP A 184 -3.32 -3.56 56.61
CA ASP A 184 -4.22 -2.95 57.60
C ASP A 184 -3.50 -2.76 58.94
N MET B 1 14.16 -2.54 -52.50
CA MET B 1 12.99 -2.54 -51.57
C MET B 1 13.18 -1.48 -50.51
N GLN B 2 12.07 -1.05 -49.90
CA GLN B 2 12.08 -0.14 -48.77
C GLN B 2 11.91 -0.98 -47.52
N LYS B 3 12.35 -0.46 -46.38
CA LYS B 3 12.28 -1.17 -45.12
C LYS B 3 11.61 -0.32 -44.08
N VAL B 4 10.77 -0.97 -43.27
CA VAL B 4 10.08 -0.29 -42.18
C VAL B 4 10.34 -1.12 -40.94
N HIS B 5 10.48 -0.48 -39.79
CA HIS B 5 10.74 -1.21 -38.56
C HIS B 5 9.79 -0.70 -37.50
N VAL B 6 9.00 -1.58 -36.88
CA VAL B 6 8.04 -1.13 -35.87
C VAL B 6 8.53 -1.74 -34.57
N GLN B 7 8.80 -0.88 -33.58
CA GLN B 7 9.52 -1.29 -32.38
C GLN B 7 8.53 -1.23 -31.20
N TYR B 8 8.41 -2.34 -30.47
CA TYR B 8 7.54 -2.41 -29.31
C TYR B 8 8.47 -2.27 -28.12
N ILE B 9 8.19 -1.26 -27.29
CA ILE B 9 9.15 -0.78 -26.34
C ILE B 9 8.52 -0.73 -24.96
N ASP B 10 9.24 -1.22 -23.96
CA ASP B 10 8.89 -0.95 -22.54
C ASP B 10 9.46 0.43 -22.19
N GLY B 11 8.58 1.41 -22.07
CA GLY B 11 8.95 2.80 -21.84
C GLY B 11 9.47 3.05 -20.44
N GLU B 12 9.23 2.14 -19.51
CA GLU B 12 9.72 2.28 -18.15
C GLU B 12 11.19 1.90 -18.05
N THR B 13 11.58 0.81 -18.71
CA THR B 13 12.94 0.32 -18.60
C THR B 13 13.78 0.65 -19.83
N ASP B 14 13.14 1.26 -20.82
CA ASP B 14 13.77 1.57 -22.09
C ASP B 14 14.40 0.33 -22.70
N GLN B 15 13.58 -0.70 -22.81
CA GLN B 15 14.03 -1.95 -23.40
C GLN B 15 13.21 -2.26 -24.63
N MET B 16 13.87 -2.69 -25.69
CA MET B 16 13.13 -3.12 -26.85
C MET B 16 12.53 -4.50 -26.69
N LEU B 17 11.20 -4.63 -26.73
CA LEU B 17 10.55 -5.92 -26.56
C LEU B 17 10.51 -6.75 -27.84
N ARG B 18 10.24 -6.08 -28.94
CA ARG B 18 10.15 -6.75 -30.23
C ARG B 18 10.32 -5.68 -31.31
N GLN B 19 10.99 -6.06 -32.41
CA GLN B 19 11.01 -5.21 -33.60
C GLN B 19 10.52 -6.02 -34.79
N ASP B 20 9.48 -5.52 -35.44
CA ASP B 20 8.94 -6.17 -36.64
C ASP B 20 9.50 -5.45 -37.82
N ASP B 21 10.15 -6.19 -38.72
CA ASP B 21 10.77 -5.61 -39.91
C ASP B 21 9.91 -5.91 -41.14
N LEU B 22 9.65 -4.89 -41.95
CA LEU B 22 8.79 -5.06 -43.10
C LEU B 22 9.55 -4.55 -44.33
N ASP B 23 9.40 -5.28 -45.44
CA ASP B 23 9.90 -4.86 -46.76
C ASP B 23 8.74 -4.54 -47.68
N GLY B 24 8.90 -3.53 -48.54
CA GLY B 24 7.83 -3.17 -49.46
C GLY B 24 8.31 -2.27 -50.58
N TYR B 25 7.42 -2.00 -51.53
CA TYR B 25 7.77 -1.13 -52.65
C TYR B 25 7.51 0.35 -52.30
N THR B 26 8.30 1.24 -52.91
CA THR B 26 7.99 2.66 -52.84
C THR B 26 6.53 2.94 -53.20
N ASP B 27 5.84 3.65 -52.30
CA ASP B 27 4.49 4.07 -52.51
C ASP B 27 3.44 2.99 -52.19
N GLU B 28 3.88 1.80 -51.81
CA GLU B 28 2.96 0.74 -51.38
C GLU B 28 2.46 1.06 -49.99
N THR B 29 1.17 0.85 -49.75
CA THR B 29 0.62 1.03 -48.39
C THR B 29 1.14 -0.10 -47.52
N ILE B 30 1.76 0.26 -46.40
CA ILE B 30 2.39 -0.71 -45.53
C ILE B 30 1.34 -1.67 -44.97
N PRO B 31 1.42 -2.95 -45.35
CA PRO B 31 0.33 -3.86 -44.99
C PRO B 31 0.53 -4.39 -43.57
N TYR B 32 0.17 -3.60 -42.58
CA TYR B 32 0.54 -3.92 -41.22
C TYR B 32 -0.34 -3.17 -40.23
N SER B 33 -0.59 -3.79 -39.07
CA SER B 33 -1.31 -3.13 -37.98
C SER B 33 -0.61 -3.44 -36.67
N THR B 34 -0.56 -2.48 -35.74
CA THR B 34 0.02 -2.73 -34.42
C THR B 34 -0.93 -3.50 -33.50
N ALA B 35 -2.15 -3.77 -33.98
CA ALA B 35 -3.19 -4.29 -33.08
C ALA B 35 -2.79 -5.58 -32.38
N GLU B 36 -2.28 -6.52 -33.16
CA GLU B 36 -1.94 -7.83 -32.63
C GLU B 36 -0.77 -7.77 -31.62
N GLY B 37 0.24 -6.96 -31.93
CA GLY B 37 1.35 -6.79 -31.01
C GLY B 37 0.90 -6.10 -29.73
N ILE B 38 0.02 -5.12 -29.86
CA ILE B 38 -0.51 -4.43 -28.67
C ILE B 38 -1.25 -5.44 -27.79
N LYS B 39 -2.09 -6.29 -28.40
CA LYS B 39 -2.80 -7.32 -27.62
C LYS B 39 -1.83 -8.30 -26.93
N LYS B 40 -0.78 -8.70 -27.62
CA LYS B 40 0.18 -9.65 -27.06
C LYS B 40 0.86 -9.05 -25.82
N PHE B 41 1.38 -7.83 -25.91
CA PHE B 41 2.06 -7.25 -24.76
C PHE B 41 1.09 -6.86 -23.62
N GLU B 42 -0.12 -6.43 -23.96
CA GLU B 42 -1.08 -6.17 -22.90
C GLU B 42 -1.38 -7.49 -22.17
N GLY B 43 -1.31 -8.60 -22.89
CA GLY B 43 -1.49 -9.91 -22.26
C GLY B 43 -0.39 -10.27 -21.28
N ASP B 44 0.76 -9.62 -21.42
CA ASP B 44 1.92 -9.85 -20.54
C ASP B 44 2.01 -8.82 -19.42
N GLY B 45 0.97 -8.03 -19.27
CA GLY B 45 0.93 -7.05 -18.17
C GLY B 45 1.21 -5.61 -18.56
N TYR B 46 1.55 -5.39 -19.83
CA TYR B 46 1.77 -4.02 -20.30
C TYR B 46 0.48 -3.27 -20.56
N GLU B 47 0.59 -1.95 -20.64
CA GLU B 47 -0.50 -1.10 -21.00
C GLU B 47 -0.01 -0.12 -22.08
N LEU B 48 -0.72 -0.06 -23.21
CA LEU B 48 -0.33 0.84 -24.30
C LEU B 48 -0.24 2.29 -23.82
N PHE B 49 0.87 2.95 -24.12
CA PHE B 49 1.10 4.35 -23.72
C PHE B 49 1.05 5.29 -24.96
N LYS B 50 1.68 4.86 -26.06
CA LYS B 50 1.76 5.74 -27.24
C LYS B 50 2.16 4.93 -28.48
N ASP B 51 1.28 4.92 -29.47
CA ASP B 51 1.59 4.20 -30.71
C ASP B 51 1.66 5.22 -31.82
N ASN B 52 2.86 5.40 -32.39
CA ASN B 52 3.05 6.47 -33.37
C ASN B 52 3.08 5.98 -34.84
N PHE B 53 2.69 4.73 -35.07
CA PHE B 53 2.59 4.19 -36.43
C PHE B 53 1.30 4.70 -37.06
N PRO B 54 1.40 5.49 -38.13
CA PRO B 54 0.18 6.12 -38.64
C PRO B 54 -0.66 5.17 -39.48
N ALA B 55 -1.97 5.20 -39.29
CA ALA B 55 -2.87 4.48 -40.19
C ALA B 55 -2.62 4.93 -41.62
N GLY B 56 -2.46 3.98 -42.55
CA GLY B 56 -2.39 4.31 -43.97
C GLY B 56 -1.01 4.68 -44.45
N GLU B 57 -0.02 4.63 -43.54
CA GLU B 57 1.36 4.96 -43.88
C GLU B 57 1.83 4.11 -45.05
N LYS B 58 2.63 4.71 -45.93
CA LYS B 58 3.23 4.01 -47.03
C LYS B 58 4.74 3.91 -46.87
N PHE B 59 5.31 3.05 -47.68
CA PHE B 59 6.75 2.91 -47.82
C PHE B 59 7.25 4.10 -48.60
N ASP B 60 8.32 4.73 -48.11
CA ASP B 60 8.79 5.97 -48.73
C ASP B 60 9.63 5.76 -50.00
N ASN B 61 10.27 6.83 -50.45
CA ASN B 61 11.04 6.81 -51.69
C ASN B 61 12.54 7.00 -51.45
N ASP B 62 12.98 6.69 -50.24
CA ASP B 62 14.38 6.95 -49.90
C ASP B 62 15.08 5.67 -49.53
N ASP B 63 15.91 5.17 -50.43
CA ASP B 63 16.64 3.94 -50.16
C ASP B 63 17.77 4.17 -49.16
N THR B 64 18.05 5.43 -48.83
CA THR B 64 19.20 5.77 -47.98
C THR B 64 18.87 5.61 -46.49
N ASN B 65 17.58 5.71 -46.16
CA ASN B 65 17.12 5.62 -44.78
C ASN B 65 15.95 4.63 -44.68
N ASP B 66 15.78 4.00 -43.53
CA ASP B 66 14.56 3.22 -43.29
C ASP B 66 13.59 4.05 -42.44
N GLN B 67 12.33 3.60 -42.37
CA GLN B 67 11.32 4.26 -41.56
C GLN B 67 11.19 3.49 -40.26
N PHE B 68 11.20 4.21 -39.14
CA PHE B 68 11.02 3.59 -37.82
C PHE B 68 9.77 4.13 -37.13
N TYR B 69 9.03 3.25 -36.48
CA TYR B 69 7.87 3.64 -35.70
C TYR B 69 7.94 2.91 -34.39
N THR B 70 7.29 3.47 -33.39
CA THR B 70 7.33 2.90 -32.04
C THR B 70 5.97 2.71 -31.39
N VAL B 71 5.88 1.65 -30.60
CA VAL B 71 4.68 1.34 -29.82
C VAL B 71 5.19 1.19 -28.38
N ILE B 72 4.91 2.21 -27.56
CA ILE B 72 5.51 2.36 -26.26
C ILE B 72 4.50 1.91 -25.20
N PHE B 73 4.94 1.11 -24.24
CA PHE B 73 4.04 0.62 -23.19
C PHE B 73 4.55 1.01 -21.81
N LYS B 74 3.64 1.03 -20.84
CA LYS B 74 4.04 1.11 -19.43
C LYS B 74 3.61 -0.19 -18.79
N HIS B 75 3.95 -0.34 -17.51
CA HIS B 75 3.61 -1.58 -16.76
C HIS B 75 2.27 -1.33 -16.10
N HIS B 76 1.30 -2.22 -16.25
CA HIS B 76 0.08 -2.11 -15.46
C HIS B 76 0.45 -2.45 -13.99
N ARG B 77 -0.12 -1.72 -13.03
CA ARG B 77 0.06 -2.07 -11.60
C ARG B 77 -1.30 -2.17 -10.93
N GLU B 78 -1.31 -2.82 -9.78
CA GLU B 78 -2.52 -2.86 -8.99
C GLU B 78 -2.22 -3.05 -7.53
N ASN B 79 -3.15 -2.62 -6.69
CA ASN B 79 -2.94 -2.72 -5.26
C ASN B 79 -3.20 -4.15 -4.85
N VAL B 80 -2.40 -4.66 -3.93
CA VAL B 80 -2.61 -6.04 -3.47
C VAL B 80 -2.58 -6.04 -1.96
N ASP B 81 -3.18 -7.04 -1.34
CA ASP B 81 -3.22 -7.14 0.11
C ASP B 81 -2.02 -7.98 0.64
N PRO B 82 -1.88 -8.06 1.97
CA PRO B 82 -0.65 -8.70 2.49
C PRO B 82 -0.53 -10.17 2.14
N ASN B 83 -1.56 -10.80 1.64
CA ASN B 83 -1.44 -12.23 1.36
C ASN B 83 -0.96 -12.53 -0.06
N HIS B 84 -0.82 -11.49 -0.88
CA HIS B 84 -0.40 -11.71 -2.28
C HIS B 84 1.05 -12.16 -2.37
N SER B 85 1.34 -13.06 -3.31
CA SER B 85 2.73 -13.47 -3.51
C SER B 85 3.51 -12.47 -4.36
N SER B 86 4.83 -12.57 -4.34
CA SER B 86 5.67 -11.71 -5.17
C SER B 86 6.70 -12.58 -5.90
N ALA B 87 6.94 -12.26 -7.16
CA ALA B 87 7.91 -13.04 -7.92
C ALA B 87 9.32 -13.05 -7.34
N ASP B 88 9.74 -12.00 -6.62
CA ASP B 88 11.09 -11.96 -6.03
C ASP B 88 11.19 -12.68 -4.67
N GLY B 89 10.07 -13.28 -4.25
CA GLY B 89 10.04 -14.07 -3.02
C GLY B 89 9.72 -13.26 -1.77
N THR B 90 9.66 -11.94 -1.87
CA THR B 90 9.26 -11.13 -0.71
C THR B 90 7.81 -11.38 -0.31
N LYS B 91 7.46 -11.08 0.95
CA LYS B 91 6.13 -11.41 1.47
C LYS B 91 5.47 -10.20 2.11
N GLY B 92 4.13 -10.22 2.15
CA GLY B 92 3.36 -9.19 2.83
C GLY B 92 3.22 -9.35 4.33
N THR B 93 3.83 -10.39 4.89
CA THR B 93 3.76 -10.61 6.33
C THR B 93 5.13 -10.96 6.93
N LYS B 94 5.26 -10.78 8.25
CA LYS B 94 6.46 -11.16 8.98
C LYS B 94 6.00 -11.67 10.34
N THR B 95 6.55 -12.78 10.79
CA THR B 95 6.13 -13.26 12.13
C THR B 95 7.36 -13.33 13.01
N LEU B 96 7.25 -12.72 14.20
CA LEU B 96 8.37 -12.63 15.15
C LEU B 96 8.05 -13.48 16.36
N THR B 97 9.09 -14.07 16.95
CA THR B 97 8.89 -14.91 18.12
C THR B 97 9.60 -14.33 19.35
N GLU B 98 8.87 -14.27 20.45
CA GLU B 98 9.42 -13.99 21.76
C GLU B 98 9.78 -15.31 22.43
N THR B 99 10.97 -15.36 23.02
CA THR B 99 11.42 -16.55 23.75
C THR B 99 11.77 -16.16 25.17
N VAL B 100 11.27 -16.93 26.14
CA VAL B 100 11.52 -16.64 27.53
C VAL B 100 12.22 -17.88 28.09
N HIS B 101 13.45 -17.70 28.55
CA HIS B 101 14.18 -18.76 29.24
C HIS B 101 13.87 -18.69 30.73
N TYR B 102 13.89 -19.86 31.40
CA TYR B 102 13.71 -19.95 32.85
C TYR B 102 14.97 -20.58 33.42
N LYS B 103 15.62 -19.88 34.33
CA LYS B 103 16.94 -20.32 34.81
C LYS B 103 17.11 -20.05 36.28
N TYR B 104 18.03 -20.79 36.89
CA TYR B 104 18.57 -20.43 38.20
C TYR B 104 19.69 -19.42 38.06
N ALA B 105 20.13 -18.85 39.17
CA ALA B 105 21.10 -17.74 39.12
C ALA B 105 22.43 -18.17 38.53
N ASN B 106 22.73 -19.47 38.60
CA ASN B 106 23.99 -19.93 38.04
C ASN B 106 23.88 -20.27 36.57
N GLY B 107 22.73 -19.96 35.97
CA GLY B 107 22.59 -20.09 34.52
C GLY B 107 22.14 -21.47 34.08
N THR B 108 21.96 -22.37 35.05
CA THR B 108 21.40 -23.69 34.75
C THR B 108 19.89 -23.56 34.54
N LYS B 109 19.30 -24.49 33.80
CA LYS B 109 17.90 -24.36 33.39
C LYS B 109 16.94 -24.73 34.52
N ALA B 110 15.92 -23.89 34.74
CA ALA B 110 14.89 -24.13 35.74
C ALA B 110 13.59 -24.67 35.16
N ALA B 111 13.35 -24.39 33.88
CA ALA B 111 12.11 -24.84 33.22
C ALA B 111 12.25 -24.72 31.71
N GLU B 112 11.37 -25.38 30.99
CA GLU B 112 11.27 -25.28 29.53
C GLU B 112 11.03 -23.86 29.09
N ASP B 113 11.61 -23.47 27.96
CA ASP B 113 11.28 -22.15 27.41
C ASP B 113 9.78 -22.03 27.16
N GLN B 114 9.26 -20.80 27.22
CA GLN B 114 7.95 -20.50 26.66
C GLN B 114 8.17 -19.52 25.51
N THR B 115 7.31 -19.56 24.50
CA THR B 115 7.42 -18.65 23.36
C THR B 115 6.05 -18.10 22.98
N ALA B 116 6.07 -17.02 22.20
CA ALA B 116 4.84 -16.43 21.71
C ALA B 116 5.21 -15.73 20.42
N GLN B 117 4.21 -15.48 19.58
CA GLN B 117 4.45 -14.84 18.28
C GLN B 117 3.57 -13.64 18.06
N VAL B 118 4.03 -12.77 17.16
CA VAL B 118 3.21 -11.68 16.64
C VAL B 118 3.44 -11.67 15.14
N THR B 119 2.52 -11.04 14.41
CA THR B 119 2.57 -10.96 12.96
C THR B 119 2.28 -9.54 12.49
N PHE B 120 3.15 -9.05 11.61
CA PHE B 120 2.99 -7.76 10.99
C PHE B 120 2.55 -7.99 9.57
N THR B 121 1.80 -7.05 9.02
CA THR B 121 1.32 -7.15 7.63
C THR B 121 1.62 -5.86 6.89
N ARG B 122 1.75 -5.93 5.57
CA ARG B 122 1.93 -4.71 4.80
C ARG B 122 1.23 -4.93 3.47
N ASN B 123 0.62 -3.88 2.93
CA ASN B 123 -0.02 -3.95 1.63
C ASN B 123 1.05 -3.64 0.59
N GLY B 124 0.74 -3.78 -0.69
CA GLY B 124 1.76 -3.53 -1.72
C GLY B 124 1.16 -3.12 -3.04
N VAL B 125 2.03 -2.84 -4.01
CA VAL B 125 1.58 -2.55 -5.36
C VAL B 125 2.25 -3.53 -6.29
N LEU B 126 1.44 -4.34 -6.95
CA LEU B 126 1.90 -5.36 -7.88
C LEU B 126 2.17 -4.77 -9.26
N ASP B 127 3.32 -5.09 -9.80
CA ASP B 127 3.68 -4.77 -11.18
C ASP B 127 3.36 -6.01 -12.01
N ASP B 128 2.34 -5.90 -12.87
CA ASP B 128 1.84 -7.03 -13.61
C ASP B 128 2.78 -7.55 -14.68
N VAL B 129 3.78 -6.76 -15.05
CA VAL B 129 4.78 -7.22 -16.00
C VAL B 129 5.80 -8.13 -15.31
N THR B 130 6.29 -7.69 -14.15
CA THR B 130 7.39 -8.39 -13.47
C THR B 130 6.87 -9.41 -12.45
N GLY B 131 5.60 -9.27 -12.06
CA GLY B 131 5.03 -10.07 -10.97
C GLY B 131 5.61 -9.73 -9.61
N ILE B 132 6.41 -8.66 -9.54
CA ILE B 132 7.03 -8.23 -8.29
C ILE B 132 6.12 -7.25 -7.56
N VAL B 133 5.95 -7.46 -6.25
CA VAL B 133 5.18 -6.55 -5.42
C VAL B 133 6.13 -5.55 -4.74
N ALA B 134 5.83 -4.26 -4.88
CA ALA B 134 6.50 -3.21 -4.13
C ALA B 134 5.78 -3.07 -2.82
N TRP B 135 6.36 -3.65 -1.77
CA TRP B 135 5.63 -3.66 -0.49
C TRP B 135 5.69 -2.31 0.21
N GLY B 136 4.57 -1.90 0.80
CA GLY B 136 4.55 -0.65 1.53
C GLY B 136 5.01 -0.80 2.97
N LYS B 137 4.79 0.24 3.77
CA LYS B 137 5.14 0.23 5.19
C LYS B 137 4.42 -0.89 5.96
N TRP B 138 5.05 -1.44 7.00
CA TRP B 138 4.29 -2.29 7.88
C TRP B 138 3.10 -1.52 8.41
N ASN B 139 1.95 -2.18 8.48
CA ASN B 139 0.67 -1.56 8.82
C ASN B 139 0.52 -1.30 10.31
N GLU B 140 1.21 -2.11 11.12
CA GLU B 140 1.12 -2.02 12.57
C GLU B 140 2.48 -1.54 13.10
N ALA B 141 2.54 -0.38 13.76
CA ALA B 141 3.82 0.09 14.29
C ALA B 141 4.34 -0.86 15.37
N SER B 142 3.43 -1.52 16.05
CA SER B 142 3.76 -2.33 17.20
C SER B 142 2.75 -3.45 17.30
N GLN B 143 3.17 -4.60 17.81
CA GLN B 143 2.28 -5.70 18.14
C GLN B 143 2.72 -6.32 19.46
N SER B 144 1.74 -6.78 20.24
CA SER B 144 1.99 -7.31 21.58
C SER B 144 1.86 -8.82 21.66
N TYR B 145 2.81 -9.47 22.34
CA TYR B 145 2.81 -10.91 22.53
C TYR B 145 1.77 -11.26 23.58
N LYS B 146 1.21 -12.45 23.51
CA LYS B 146 0.35 -12.94 24.60
C LYS B 146 1.20 -13.05 25.86
N ALA B 147 0.56 -12.86 27.01
CA ALA B 147 1.28 -12.88 28.29
C ALA B 147 1.74 -14.30 28.58
N LEU B 148 2.99 -14.45 29.02
CA LEU B 148 3.50 -15.79 29.36
C LEU B 148 3.76 -15.91 30.86
N THR B 149 3.03 -16.80 31.52
CA THR B 149 3.19 -16.97 32.96
C THR B 149 4.36 -17.89 33.29
N SER B 150 5.29 -17.39 34.07
CA SER B 150 6.43 -18.17 34.48
C SER B 150 5.93 -19.34 35.31
N PRO B 151 6.47 -20.56 35.09
CA PRO B 151 6.03 -21.75 35.84
C PRO B 151 6.30 -21.71 37.33
N THR B 152 5.59 -22.56 38.06
CA THR B 152 5.73 -22.68 39.51
C THR B 152 6.74 -23.80 39.82
N ILE B 153 7.75 -23.44 40.61
CA ILE B 153 8.80 -24.37 40.99
C ILE B 153 8.92 -24.30 42.51
N ALA B 154 8.79 -25.45 43.17
CA ALA B 154 8.82 -25.49 44.63
C ALA B 154 10.08 -24.91 45.23
N GLY B 155 9.91 -24.01 46.18
CA GLY B 155 11.02 -23.47 46.95
C GLY B 155 11.56 -22.19 46.34
N TYR B 156 11.19 -21.93 45.10
CA TYR B 156 11.74 -20.77 44.40
C TYR B 156 10.65 -19.83 43.93
N ALA B 157 10.98 -18.55 43.75
CA ALA B 157 10.10 -17.60 43.10
C ALA B 157 10.76 -17.06 41.83
N PRO B 158 9.97 -16.80 40.76
CA PRO B 158 10.62 -16.23 39.54
C PRO B 158 10.78 -14.71 39.59
N SER B 159 11.79 -14.18 38.90
CA SER B 159 12.01 -12.72 38.92
C SER B 159 10.80 -12.00 38.33
N GLU B 160 10.13 -12.60 37.36
CA GLU B 160 8.95 -11.97 36.83
C GLU B 160 7.91 -13.04 36.63
N ALA B 161 6.74 -12.84 37.24
CA ALA B 161 5.71 -13.87 37.29
C ALA B 161 4.93 -13.97 35.98
N VAL B 162 4.65 -12.84 35.34
CA VAL B 162 4.00 -12.84 34.03
C VAL B 162 4.73 -11.89 33.07
N VAL B 163 5.16 -12.42 31.92
CA VAL B 163 5.94 -11.62 31.00
C VAL B 163 5.11 -11.12 29.80
N LYS B 164 4.99 -9.80 29.72
CA LYS B 164 4.23 -9.16 28.65
C LYS B 164 5.19 -8.27 27.93
N ARG B 165 5.38 -8.51 26.64
CA ARG B 165 6.22 -7.63 25.84
C ARG B 165 5.62 -7.43 24.47
N SER B 166 6.17 -6.47 23.74
CA SER B 166 5.74 -6.18 22.37
C SER B 166 6.96 -5.96 21.49
N SER B 167 6.72 -5.98 20.18
CA SER B 167 7.79 -5.74 19.25
C SER B 167 7.35 -4.66 18.31
N ASN B 168 8.32 -3.89 17.86
CA ASN B 168 8.10 -2.87 16.86
C ASN B 168 8.22 -3.47 15.47
N SER B 169 7.53 -2.84 14.51
CA SER B 169 7.49 -3.37 13.17
C SER B 169 8.84 -3.42 12.46
N ASP B 170 9.80 -2.66 12.97
CA ASP B 170 11.09 -2.59 12.33
C ASP B 170 12.00 -3.69 12.85
N ALA B 171 11.52 -4.47 13.83
CA ALA B 171 12.34 -5.53 14.46
C ALA B 171 12.54 -6.69 13.50
N GLU B 172 13.72 -7.30 13.47
CA GLU B 172 13.88 -8.50 12.63
C GLU B 172 13.71 -9.82 13.38
N GLN B 173 13.86 -9.75 14.71
CA GLN B 173 13.52 -10.88 15.59
C GLN B 173 12.76 -10.37 16.80
N GLY B 174 11.96 -11.24 17.39
CA GLY B 174 11.35 -10.95 18.69
C GLY B 174 12.36 -11.00 19.82
N PRO B 175 11.94 -10.59 21.02
CA PRO B 175 12.86 -10.51 22.13
C PRO B 175 13.18 -11.91 22.69
N THR B 176 14.40 -12.13 23.13
CA THR B 176 14.66 -13.30 23.97
C THR B 176 15.07 -12.79 25.35
N LEU B 177 14.51 -13.34 26.43
CA LEU B 177 14.85 -12.80 27.75
C LEU B 177 14.77 -13.92 28.76
N THR B 178 15.28 -13.67 29.95
CA THR B 178 15.40 -14.74 30.94
C THR B 178 14.77 -14.33 32.27
N VAL B 179 13.95 -15.22 32.80
CA VAL B 179 13.34 -15.11 34.12
C VAL B 179 14.20 -15.99 35.03
N ILE B 180 14.65 -15.42 36.14
CA ILE B 180 15.59 -16.11 37.02
C ILE B 180 14.83 -16.53 38.25
N TYR B 181 15.06 -17.77 38.69
CA TYR B 181 14.38 -18.27 39.88
C TYR B 181 15.26 -18.13 41.11
N THR B 182 14.70 -17.60 42.18
CA THR B 182 15.46 -17.33 43.38
C THR B 182 14.83 -18.09 44.54
N ALA B 183 15.67 -18.69 45.37
CA ALA B 183 15.17 -19.51 46.46
C ALA B 183 14.33 -18.66 47.39
N ASP B 184 13.16 -19.16 47.75
CA ASP B 184 12.33 -18.47 48.75
C ASP B 184 13.04 -18.47 50.10
CA CA C . 0.54 20.69 -38.61
CA CA D . 13.34 3.98 -47.13
#